data_5BUC
#
_entry.id   5BUC
#
_cell.length_a   56.810
_cell.length_b   82.850
_cell.length_c   106.430
_cell.angle_alpha   90.000
_cell.angle_beta   90.000
_cell.angle_gamma   90.000
#
_symmetry.space_group_name_H-M   'P 21 21 21'
#
loop_
_entity.id
_entity.type
_entity.pdbx_description
1 polymer 'Ribosyldihydronicotinamide dehydrogenase [quinone]'
2 non-polymer 'ZINC ION'
3 non-polymer 'FLAVIN-ADENINE DINUCLEOTIDE'
4 non-polymer ETHIDIUM
5 non-polymer 'SULFATE ION'
6 water water
#
_entity_poly.entity_id   1
_entity_poly.type   'polypeptide(L)'
_entity_poly.pdbx_seq_one_letter_code
;AGKKVLIVYAHQEPKSFNGSLKNVAVDELSRQGCTVTVSDLYAMNFEPRATDKDITGTLSNPEVFNYGVETHEAYKQRSL
ASDITDEQKKVREADLVIFQFPLYWFSVPAILKGWMDRVLCQGFAFDIPGFYDSGLLQGKLALLSVTTGGTAEMYTKTGV
NGDSRYFLWPLQHGTLHFCGFKVLAPQISFAPEIASEEERKGMVAAWSQRLQTIWKEEPIPCTAHWHFGQ
;
_entity_poly.pdbx_strand_id   A,B
#
loop_
_chem_comp.id
_chem_comp.type
_chem_comp.name
_chem_comp.formula
ET non-polymer ETHIDIUM 'C21 H20 N3 1'
FAD non-polymer 'FLAVIN-ADENINE DINUCLEOTIDE' 'C27 H33 N9 O15 P2'
SO4 non-polymer 'SULFATE ION' 'O4 S -2'
ZN non-polymer 'ZINC ION' 'Zn 2'
#
# COMPACT_ATOMS: atom_id res chain seq x y z
N ALA A 1 29.35 -17.17 -9.62
CA ALA A 1 29.03 -16.51 -10.89
C ALA A 1 27.61 -16.80 -11.34
N GLY A 2 27.06 -15.94 -12.20
CA GLY A 2 25.81 -16.22 -12.88
C GLY A 2 24.55 -15.77 -12.16
N LYS A 3 24.65 -14.70 -11.38
CA LYS A 3 23.51 -14.22 -10.61
C LYS A 3 22.54 -13.41 -11.48
N LYS A 4 21.24 -13.56 -11.21
CA LYS A 4 20.19 -12.90 -11.97
C LYS A 4 19.46 -11.92 -11.07
N VAL A 5 19.28 -10.71 -11.57
CA VAL A 5 18.64 -9.66 -10.80
C VAL A 5 17.44 -9.12 -11.57
N LEU A 6 16.32 -9.00 -10.86
CA LEU A 6 15.17 -8.24 -11.34
C LEU A 6 15.03 -6.97 -10.53
N ILE A 7 14.94 -5.85 -11.21
CA ILE A 7 14.63 -4.59 -10.57
C ILE A 7 13.18 -4.20 -10.91
N VAL A 8 12.35 -4.09 -9.89
CA VAL A 8 10.97 -3.61 -10.07
C VAL A 8 10.97 -2.13 -9.70
N TYR A 9 10.73 -1.32 -10.71
CA TYR A 9 10.99 0.12 -10.69
C TYR A 9 9.67 0.87 -10.85
N ALA A 10 9.42 1.81 -9.95
CA ALA A 10 8.17 2.55 -9.94
C ALA A 10 8.40 4.04 -9.80
N HIS A 11 8.82 4.68 -10.88
CA HIS A 11 8.85 6.12 -10.91
C HIS A 11 8.53 6.58 -12.35
N GLN A 12 7.82 7.71 -12.44
CA GLN A 12 7.32 8.22 -13.70
C GLN A 12 8.36 8.88 -14.58
N GLU A 13 9.46 9.30 -13.95
CA GLU A 13 10.42 10.23 -14.55
C GLU A 13 11.83 9.63 -14.59
N PRO A 14 12.33 9.39 -15.81
CA PRO A 14 13.65 8.79 -16.07
C PRO A 14 14.76 9.60 -15.44
N LYS A 15 14.59 10.91 -15.37
CA LYS A 15 15.59 11.84 -14.84
C LYS A 15 15.52 12.02 -13.31
N SER A 16 14.64 11.27 -12.67
CA SER A 16 14.44 11.40 -11.23
C SER A 16 15.57 10.77 -10.42
N PHE A 17 15.60 11.05 -9.13
CA PHE A 17 16.59 10.43 -8.24
C PHE A 17 16.38 8.92 -8.26
N ASN A 18 15.12 8.50 -8.23
CA ASN A 18 14.81 7.08 -8.35
C ASN A 18 15.33 6.50 -9.63
N GLY A 19 15.16 7.24 -10.73
CA GLY A 19 15.66 6.77 -12.01
C GLY A 19 17.17 6.58 -12.00
N SER A 20 17.86 7.52 -11.36
CA SER A 20 19.31 7.46 -11.23
C SER A 20 19.74 6.28 -10.38
N LEU A 21 19.01 6.00 -9.30
CA LEU A 21 19.32 4.85 -8.47
C LEU A 21 19.12 3.53 -9.23
N LYS A 22 18.06 3.47 -10.03
CA LYS A 22 17.79 2.29 -10.87
C LYS A 22 18.90 2.11 -11.91
N ASN A 23 19.28 3.20 -12.58
CA ASN A 23 20.32 3.12 -13.60
C ASN A 23 21.69 2.73 -13.04
N VAL A 24 22.01 3.24 -11.85
CA VAL A 24 23.27 2.85 -11.18
C VAL A 24 23.25 1.36 -10.88
N ALA A 25 22.10 0.84 -10.46
CA ALA A 25 22.00 -0.58 -10.19
C ALA A 25 22.19 -1.39 -11.48
N VAL A 26 21.54 -0.96 -12.55
CA VAL A 26 21.66 -1.66 -13.82
C VAL A 26 23.13 -1.66 -14.27
N ASP A 27 23.76 -0.50 -14.22
CA ASP A 27 25.15 -0.38 -14.70
C ASP A 27 26.11 -1.21 -13.87
N GLU A 28 26.03 -1.10 -12.55
CA GLU A 28 27.00 -1.78 -11.67
C GLU A 28 26.81 -3.30 -11.69
N LEU A 29 25.56 -3.76 -11.61
CA LEU A 29 25.28 -5.18 -11.67
C LEU A 29 25.65 -5.73 -13.04
N SER A 30 25.43 -4.94 -14.08
CA SER A 30 25.79 -5.35 -15.45
C SER A 30 27.31 -5.45 -15.60
N ARG A 31 28.02 -4.47 -15.03
CA ARG A 31 29.48 -4.46 -14.99
C ARG A 31 30.03 -5.70 -14.31
N GLN A 32 29.34 -6.20 -13.29
CA GLN A 32 29.78 -7.35 -12.53
C GLN A 32 29.55 -8.65 -13.29
N GLY A 33 28.84 -8.57 -14.41
CA GLY A 33 28.52 -9.75 -15.19
C GLY A 33 27.19 -10.38 -14.82
N CYS A 34 26.42 -9.72 -13.95
CA CYS A 34 25.11 -10.25 -13.60
C CYS A 34 24.12 -10.14 -14.75
N THR A 35 23.11 -11.00 -14.71
CA THR A 35 21.98 -10.93 -15.61
C THR A 35 20.95 -9.98 -15.01
N VAL A 36 20.53 -8.97 -15.77
CA VAL A 36 19.70 -7.89 -15.23
C VAL A 36 18.45 -7.64 -16.06
N THR A 37 17.32 -7.58 -15.38
CA THR A 37 16.04 -7.30 -16.00
C THR A 37 15.34 -6.20 -15.19
N VAL A 38 14.70 -5.26 -15.89
CA VAL A 38 13.98 -4.16 -15.24
C VAL A 38 12.52 -4.18 -15.65
N SER A 39 11.64 -4.22 -14.65
CA SER A 39 10.22 -4.02 -14.86
C SER A 39 9.91 -2.57 -14.56
N ASP A 40 9.75 -1.78 -15.63
CA ASP A 40 9.49 -0.35 -15.49
C ASP A 40 7.97 -0.17 -15.48
N LEU A 41 7.38 -0.18 -14.28
CA LEU A 41 5.94 -0.30 -14.15
C LEU A 41 5.15 0.81 -14.84
N TYR A 42 5.56 2.06 -14.69
CA TYR A 42 4.80 3.16 -15.30
C TYR A 42 4.92 3.09 -16.82
N ALA A 43 6.11 2.78 -17.33
CA ALA A 43 6.32 2.70 -18.77
C ALA A 43 5.51 1.57 -19.39
N MET A 44 5.26 0.53 -18.62
CA MET A 44 4.49 -0.62 -19.07
C MET A 44 2.99 -0.41 -18.89
N ASN A 45 2.62 0.74 -18.30
CA ASN A 45 1.23 1.00 -17.94
C ASN A 45 0.67 -0.16 -17.10
N PHE A 46 1.50 -0.65 -16.18
CA PHE A 46 1.18 -1.87 -15.45
C PHE A 46 -0.15 -1.74 -14.73
N GLU A 47 -1.00 -2.75 -14.90
CA GLU A 47 -2.34 -2.78 -14.29
C GLU A 47 -2.26 -3.00 -12.79
N PRO A 48 -2.73 -2.03 -11.98
CA PRO A 48 -2.64 -2.27 -10.53
C PRO A 48 -3.85 -2.99 -9.95
N ARG A 49 -5.00 -2.95 -10.62
CA ARG A 49 -6.24 -3.45 -10.05
C ARG A 49 -6.38 -4.96 -10.10
N ALA A 50 -6.76 -5.55 -8.97
CA ALA A 50 -7.06 -6.97 -8.89
C ALA A 50 -8.50 -7.20 -9.36
N THR A 51 -8.67 -7.71 -10.58
CA THR A 51 -10.00 -7.90 -11.15
C THR A 51 -10.14 -9.26 -11.81
N ASP A 52 -11.37 -9.61 -12.18
CA ASP A 52 -11.63 -10.90 -12.82
C ASP A 52 -11.01 -10.99 -14.21
N LYS A 53 -10.47 -9.89 -14.73
CA LYS A 53 -9.72 -9.93 -15.99
C LYS A 53 -8.38 -10.64 -15.83
N ASP A 54 -7.96 -10.87 -14.59
CA ASP A 54 -6.67 -11.51 -14.32
C ASP A 54 -6.72 -13.02 -14.51
N ILE A 55 -7.93 -13.55 -14.74
CA ILE A 55 -8.12 -14.95 -15.06
C ILE A 55 -8.71 -15.07 -16.46
N THR A 56 -8.09 -15.91 -17.31
CA THR A 56 -8.59 -16.17 -18.65
C THR A 56 -9.47 -17.42 -18.63
N GLY A 57 -10.39 -17.54 -19.58
CA GLY A 57 -11.33 -18.64 -19.57
C GLY A 57 -12.29 -18.59 -18.39
N THR A 58 -12.81 -19.75 -17.99
CA THR A 58 -13.93 -19.79 -17.04
C THR A 58 -13.49 -19.97 -15.58
N LEU A 59 -14.21 -19.29 -14.68
CA LEU A 59 -13.86 -19.23 -13.26
C LEU A 59 -14.27 -20.47 -12.49
N SER A 60 -13.68 -20.69 -11.33
CA SER A 60 -14.00 -21.85 -10.51
C SER A 60 -15.26 -21.64 -9.68
N ASN A 61 -15.72 -20.40 -9.59
CA ASN A 61 -17.01 -20.11 -8.98
C ASN A 61 -17.50 -18.73 -9.39
N PRO A 62 -18.06 -18.64 -10.60
CA PRO A 62 -18.52 -17.38 -11.21
C PRO A 62 -19.86 -16.89 -10.64
N GLU A 63 -20.18 -17.30 -9.42
CA GLU A 63 -21.37 -16.81 -8.71
C GLU A 63 -20.98 -15.83 -7.62
N VAL A 64 -19.86 -16.12 -6.97
CA VAL A 64 -19.29 -15.23 -5.97
C VAL A 64 -17.78 -15.12 -6.24
N PHE A 65 -17.36 -14.03 -6.87
CA PHE A 65 -15.96 -13.85 -7.27
C PHE A 65 -15.07 -13.54 -6.07
N ASN A 66 -14.17 -14.47 -5.74
CA ASN A 66 -13.13 -14.28 -4.72
C ASN A 66 -11.78 -14.24 -5.43
N TYR A 67 -11.17 -13.07 -5.51
CA TYR A 67 -9.94 -12.88 -6.27
C TYR A 67 -8.83 -13.82 -5.84
N GLY A 68 -8.63 -13.96 -4.52
CA GLY A 68 -7.57 -14.80 -4.00
C GLY A 68 -7.71 -16.24 -4.41
N VAL A 69 -8.91 -16.78 -4.23
CA VAL A 69 -9.20 -18.14 -4.62
C VAL A 69 -9.09 -18.30 -6.13
N GLU A 70 -9.66 -17.37 -6.89
CA GLU A 70 -9.68 -17.53 -8.34
C GLU A 70 -8.27 -17.45 -8.96
N THR A 71 -7.40 -16.64 -8.38
CA THR A 71 -6.06 -16.53 -8.95
C THR A 71 -5.22 -17.75 -8.51
N HIS A 72 -5.48 -18.26 -7.30
CA HIS A 72 -4.83 -19.50 -6.87
C HIS A 72 -5.13 -20.61 -7.87
N GLU A 73 -6.42 -20.79 -8.15
CA GLU A 73 -6.89 -21.78 -9.10
C GLU A 73 -6.37 -21.54 -10.52
N ALA A 74 -6.39 -20.29 -10.98
CA ALA A 74 -5.88 -19.95 -12.31
C ALA A 74 -4.38 -20.24 -12.41
N TYR A 75 -3.65 -19.98 -11.35
CA TYR A 75 -2.21 -20.28 -11.36
C TYR A 75 -1.99 -21.77 -11.56
N LYS A 76 -2.76 -22.58 -10.83
CA LYS A 76 -2.65 -24.03 -10.90
C LYS A 76 -3.03 -24.55 -12.29
N GLN A 77 -3.98 -23.87 -12.92
CA GLN A 77 -4.49 -24.28 -14.22
C GLN A 77 -3.92 -23.49 -15.37
N ARG A 78 -2.89 -22.68 -15.08
CA ARG A 78 -2.16 -21.95 -16.11
C ARG A 78 -3.08 -21.07 -16.94
N SER A 79 -4.00 -20.37 -16.27
CA SER A 79 -4.88 -19.44 -16.97
C SER A 79 -4.87 -18.05 -16.34
N LEU A 80 -3.72 -17.61 -15.83
CA LEU A 80 -3.57 -16.22 -15.42
C LEU A 80 -3.29 -15.32 -16.63
N ALA A 81 -3.67 -14.05 -16.53
CA ALA A 81 -3.36 -13.07 -17.56
C ALA A 81 -1.85 -13.00 -17.80
N SER A 82 -1.49 -12.66 -19.04
CA SER A 82 -0.10 -12.73 -19.44
C SER A 82 0.76 -11.64 -18.78
N ASP A 83 0.18 -10.51 -18.39
CA ASP A 83 1.02 -9.50 -17.75
C ASP A 83 1.48 -10.02 -16.39
N ILE A 84 0.62 -10.75 -15.70
CA ILE A 84 1.01 -11.41 -14.46
C ILE A 84 2.06 -12.52 -14.66
N THR A 85 1.81 -13.46 -15.58
CA THR A 85 2.75 -14.56 -15.75
C THR A 85 4.10 -14.07 -16.29
N ASP A 86 4.09 -13.00 -17.09
CA ASP A 86 5.33 -12.38 -17.53
C ASP A 86 6.19 -11.97 -16.31
N GLU A 87 5.56 -11.33 -15.33
CA GLU A 87 6.29 -10.91 -14.14
C GLU A 87 6.71 -12.10 -13.28
N GLN A 88 5.86 -13.11 -13.18
CA GLN A 88 6.20 -14.28 -12.39
C GLN A 88 7.43 -14.98 -12.96
N LYS A 89 7.53 -15.01 -14.29
CA LYS A 89 8.70 -15.62 -14.92
C LYS A 89 9.98 -14.86 -14.54
N LYS A 90 9.92 -13.53 -14.53
CA LYS A 90 11.09 -12.72 -14.16
C LYS A 90 11.49 -13.00 -12.71
N VAL A 91 10.49 -13.12 -11.84
CA VAL A 91 10.73 -13.39 -10.43
C VAL A 91 11.26 -14.80 -10.22
N ARG A 92 10.67 -15.76 -10.90
CA ARG A 92 11.11 -17.15 -10.80
C ARG A 92 12.59 -17.27 -11.17
N GLU A 93 13.00 -16.56 -12.21
CA GLU A 93 14.38 -16.66 -12.70
C GLU A 93 15.37 -15.86 -11.86
N ALA A 94 14.88 -14.92 -11.06
CA ALA A 94 15.76 -14.01 -10.34
C ALA A 94 16.33 -14.60 -9.04
N ASP A 95 17.59 -14.28 -8.75
CA ASP A 95 18.18 -14.64 -7.45
C ASP A 95 17.94 -13.53 -6.45
N LEU A 96 17.87 -12.30 -6.98
CA LEU A 96 17.62 -11.11 -6.18
C LEU A 96 16.59 -10.21 -6.85
N VAL A 97 15.63 -9.74 -6.07
CA VAL A 97 14.69 -8.74 -6.54
C VAL A 97 14.87 -7.42 -5.79
N ILE A 98 15.22 -6.38 -6.53
CA ILE A 98 15.33 -5.04 -5.99
C ILE A 98 14.07 -4.24 -6.35
N PHE A 99 13.44 -3.62 -5.35
CA PHE A 99 12.32 -2.71 -5.58
C PHE A 99 12.85 -1.29 -5.42
N GLN A 100 12.63 -0.47 -6.44
CA GLN A 100 13.12 0.90 -6.45
C GLN A 100 11.93 1.83 -6.53
N PHE A 101 11.69 2.63 -5.49
CA PHE A 101 10.48 3.43 -5.45
C PHE A 101 10.58 4.57 -4.45
N PRO A 102 9.85 5.66 -4.74
CA PRO A 102 9.59 6.72 -3.76
C PRO A 102 8.54 6.30 -2.75
N LEU A 103 8.75 6.63 -1.48
CA LEU A 103 7.76 6.38 -0.44
C LEU A 103 6.50 7.19 -0.70
N TYR A 104 5.37 6.50 -0.84
CA TYR A 104 4.02 7.10 -0.97
C TYR A 104 3.17 6.64 0.22
N TRP A 105 2.82 7.56 1.10
CA TRP A 105 1.99 7.27 2.28
C TRP A 105 2.53 6.08 3.09
N PHE A 106 3.79 6.20 3.46
CA PHE A 106 4.48 5.23 4.30
C PHE A 106 4.48 3.86 3.64
N SER A 107 4.37 3.82 2.31
CA SER A 107 4.28 2.54 1.60
C SER A 107 4.79 2.66 0.15
N VAL A 108 4.47 1.67 -0.67
CA VAL A 108 4.79 1.70 -2.09
C VAL A 108 3.72 2.48 -2.85
N PRO A 109 4.13 3.14 -3.95
CA PRO A 109 3.16 3.72 -4.88
C PRO A 109 2.17 2.65 -5.33
N ALA A 110 0.93 3.06 -5.56
CA ALA A 110 -0.13 2.11 -5.90
C ALA A 110 0.20 1.19 -7.08
N ILE A 111 0.91 1.69 -8.08
CA ILE A 111 1.24 0.85 -9.25
C ILE A 111 2.12 -0.32 -8.82
N LEU A 112 3.04 -0.07 -7.88
CA LEU A 112 3.89 -1.13 -7.32
C LEU A 112 3.09 -2.01 -6.34
N LYS A 113 2.19 -1.41 -5.57
CA LYS A 113 1.34 -2.24 -4.70
C LYS A 113 0.55 -3.24 -5.57
N GLY A 114 0.08 -2.78 -6.73
CA GLY A 114 -0.65 -3.62 -7.64
C GLY A 114 0.17 -4.79 -8.15
N TRP A 115 1.45 -4.54 -8.41
CA TRP A 115 2.38 -5.60 -8.79
C TRP A 115 2.43 -6.65 -7.68
N MET A 116 2.60 -6.21 -6.43
N MET A 116 2.60 -6.19 -6.44
CA MET A 116 2.65 -7.17 -5.32
CA MET A 116 2.62 -7.08 -5.27
C MET A 116 1.32 -7.93 -5.17
C MET A 116 1.33 -7.91 -5.19
N ASP A 117 0.19 -7.23 -5.30
CA ASP A 117 -1.11 -7.86 -5.16
C ASP A 117 -1.36 -8.92 -6.23
N ARG A 118 -0.98 -8.60 -7.47
CA ARG A 118 -1.37 -9.43 -8.61
C ARG A 118 -0.30 -10.49 -8.96
N VAL A 119 0.97 -10.16 -8.77
CA VAL A 119 2.02 -11.10 -9.15
C VAL A 119 2.24 -12.19 -8.09
N LEU A 120 2.18 -11.81 -6.83
CA LEU A 120 2.49 -12.73 -5.73
C LEU A 120 1.27 -13.51 -5.29
N CYS A 121 0.69 -14.29 -6.20
CA CYS A 121 -0.56 -15.01 -5.89
C CYS A 121 -0.26 -16.31 -5.16
N GLN A 122 -1.29 -16.85 -4.52
CA GLN A 122 -1.18 -18.15 -3.87
C GLN A 122 -0.85 -19.21 -4.91
N GLY A 123 0.07 -20.11 -4.56
CA GLY A 123 0.52 -21.14 -5.47
C GLY A 123 1.84 -20.74 -6.12
N PHE A 124 2.05 -19.44 -6.31
CA PHE A 124 3.30 -18.95 -6.86
C PHE A 124 4.26 -18.46 -5.77
N ALA A 125 3.77 -17.54 -4.94
CA ALA A 125 4.61 -16.88 -3.95
C ALA A 125 4.49 -17.52 -2.57
N PHE A 126 3.34 -18.13 -2.29
CA PHE A 126 3.15 -18.79 -1.01
C PHE A 126 2.03 -19.81 -1.17
N ASP A 127 1.86 -20.66 -0.17
CA ASP A 127 0.73 -21.56 -0.16
C ASP A 127 0.46 -22.06 1.26
N ILE A 128 -0.53 -22.94 1.37
CA ILE A 128 -0.73 -23.73 2.59
C ILE A 128 -0.32 -25.15 2.27
N PRO A 129 0.87 -25.56 2.72
CA PRO A 129 1.76 -24.76 3.55
C PRO A 129 2.73 -23.97 2.70
N GLY A 130 3.64 -23.26 3.33
CA GLY A 130 4.68 -22.56 2.60
C GLY A 130 4.52 -21.05 2.68
N PHE A 131 4.78 -20.51 3.85
CA PHE A 131 4.85 -19.07 4.03
C PHE A 131 5.81 -18.74 5.18
N TYR A 132 6.13 -17.46 5.31
CA TYR A 132 7.29 -17.00 6.09
C TYR A 132 8.53 -17.83 5.68
N ASP A 133 9.21 -18.48 6.61
CA ASP A 133 10.48 -19.12 6.26
C ASP A 133 10.34 -20.16 5.14
N SER A 134 9.17 -20.76 5.02
CA SER A 134 8.94 -21.77 3.98
C SER A 134 8.08 -21.24 2.82
N GLY A 135 7.97 -19.92 2.69
CA GLY A 135 7.31 -19.32 1.53
C GLY A 135 7.95 -19.83 0.24
N LEU A 136 7.21 -19.77 -0.86
CA LEU A 136 7.63 -20.47 -2.06
C LEU A 136 8.77 -19.78 -2.79
N LEU A 137 9.11 -18.55 -2.40
CA LEU A 137 10.23 -17.87 -3.04
C LEU A 137 11.50 -17.96 -2.17
N GLN A 138 11.50 -18.91 -1.24
CA GLN A 138 12.69 -19.11 -0.39
C GLN A 138 13.91 -19.38 -1.26
N GLY A 139 15.07 -18.92 -0.79
CA GLY A 139 16.28 -19.02 -1.58
C GLY A 139 16.56 -17.74 -2.34
N LYS A 140 15.51 -16.94 -2.56
CA LYS A 140 15.66 -15.64 -3.22
C LYS A 140 15.91 -14.51 -2.22
N LEU A 141 16.60 -13.48 -2.70
CA LEU A 141 16.82 -12.26 -1.94
C LEU A 141 15.93 -11.15 -2.41
N ALA A 142 15.52 -10.28 -1.49
CA ALA A 142 14.75 -9.07 -1.85
C ALA A 142 15.34 -7.89 -1.11
N LEU A 143 15.27 -6.73 -1.74
CA LEU A 143 15.82 -5.50 -1.18
C LEU A 143 14.94 -4.32 -1.56
N LEU A 144 14.52 -3.55 -0.56
CA LEU A 144 13.75 -2.33 -0.77
C LEU A 144 14.68 -1.12 -0.84
N SER A 145 14.71 -0.47 -2.00
CA SER A 145 15.47 0.77 -2.20
C SER A 145 14.46 1.90 -2.30
N VAL A 146 14.30 2.62 -1.20
CA VAL A 146 13.23 3.59 -1.08
C VAL A 146 13.81 4.99 -0.92
N THR A 147 13.18 5.97 -1.54
CA THR A 147 13.51 7.36 -1.33
C THR A 147 12.38 8.02 -0.55
N THR A 148 12.71 9.03 0.26
CA THR A 148 11.70 9.70 1.09
C THR A 148 11.67 11.20 0.87
N GLY A 149 10.54 11.80 1.19
CA GLY A 149 10.46 13.25 1.29
C GLY A 149 11.05 13.70 2.62
N GLY A 150 10.77 12.95 3.68
CA GLY A 150 11.21 13.31 5.02
C GLY A 150 12.68 13.00 5.26
N THR A 151 13.32 13.80 6.12
CA THR A 151 14.74 13.64 6.39
C THR A 151 14.93 12.55 7.42
N ALA A 152 16.16 12.05 7.55
CA ALA A 152 16.46 11.02 8.53
C ALA A 152 15.95 11.42 9.92
N GLU A 153 16.20 12.67 10.27
CA GLU A 153 15.83 13.19 11.59
C GLU A 153 14.31 13.07 11.83
N MET A 154 13.51 13.33 10.79
CA MET A 154 12.05 13.25 10.94
C MET A 154 11.60 11.82 11.15
N TYR A 155 12.46 10.86 10.81
CA TYR A 155 12.12 9.44 10.97
C TYR A 155 12.86 8.77 12.15
N THR A 156 12.68 9.32 13.34
CA THR A 156 13.17 8.69 14.56
C THR A 156 12.03 8.15 15.40
N LYS A 157 12.34 7.22 16.31
CA LYS A 157 11.32 6.58 17.12
C LYS A 157 10.39 7.57 17.81
N THR A 158 10.96 8.66 18.30
CA THR A 158 10.19 9.66 19.04
C THR A 158 9.75 10.81 18.13
N GLY A 159 10.29 10.85 16.92
CA GLY A 159 9.93 11.86 15.93
C GLY A 159 8.47 11.78 15.50
N VAL A 160 8.01 12.78 14.75
CA VAL A 160 6.60 12.86 14.37
C VAL A 160 6.23 11.74 13.40
N ASN A 161 7.19 11.29 12.62
CA ASN A 161 6.98 10.21 11.65
C ASN A 161 7.23 8.81 12.20
N GLY A 162 7.90 8.71 13.34
CA GLY A 162 8.33 7.44 13.87
C GLY A 162 9.56 6.91 13.13
N ASP A 163 10.10 5.80 13.62
CA ASP A 163 11.26 5.15 13.02
C ASP A 163 10.91 4.65 11.62
N SER A 164 11.83 4.79 10.65
CA SER A 164 11.56 4.32 9.30
C SER A 164 11.26 2.82 9.30
N ARG A 165 11.83 2.08 10.24
CA ARG A 165 11.58 0.64 10.34
C ARG A 165 10.11 0.32 10.57
N TYR A 166 9.40 1.26 11.18
CA TYR A 166 7.98 1.06 11.46
C TYR A 166 7.20 0.88 10.15
N PHE A 167 7.50 1.68 9.15
CA PHE A 167 6.71 1.57 7.91
C PHE A 167 7.22 0.42 7.04
N LEU A 168 8.42 -0.07 7.32
CA LEU A 168 8.94 -1.21 6.56
C LEU A 168 8.22 -2.54 6.85
N TRP A 169 7.57 -2.65 8.01
CA TRP A 169 6.97 -3.90 8.48
C TRP A 169 6.01 -4.57 7.46
N PRO A 170 5.04 -3.82 6.92
CA PRO A 170 4.12 -4.48 6.01
C PRO A 170 4.82 -4.97 4.73
N LEU A 171 5.84 -4.24 4.30
CA LEU A 171 6.56 -4.59 3.07
C LEU A 171 7.56 -5.72 3.28
N GLN A 172 8.46 -5.53 4.23
CA GLN A 172 9.50 -6.52 4.49
C GLN A 172 8.94 -7.80 5.11
N HIS A 173 8.09 -7.66 6.14
CA HIS A 173 7.62 -8.86 6.85
C HIS A 173 6.32 -9.39 6.28
N GLY A 174 5.31 -8.54 6.18
CA GLY A 174 4.00 -8.97 5.73
C GLY A 174 3.96 -9.44 4.28
N THR A 175 4.87 -8.95 3.45
CA THR A 175 4.86 -9.30 2.05
C THR A 175 6.08 -10.17 1.66
N LEU A 176 7.27 -9.63 1.79
CA LEU A 176 8.47 -10.30 1.28
C LEU A 176 8.84 -11.53 2.11
N HIS A 177 8.97 -11.37 3.42
CA HIS A 177 9.25 -12.52 4.30
C HIS A 177 8.14 -13.57 4.18
N PHE A 178 6.88 -13.11 4.11
CA PHE A 178 5.75 -14.01 4.01
C PHE A 178 5.88 -14.94 2.82
N CYS A 179 6.46 -14.42 1.73
CA CYS A 179 6.58 -15.19 0.50
C CYS A 179 7.91 -15.98 0.46
N GLY A 180 8.67 -15.92 1.55
CA GLY A 180 9.86 -16.72 1.66
C GLY A 180 11.17 -16.03 1.33
N PHE A 181 11.11 -14.80 0.82
CA PHE A 181 12.31 -14.03 0.57
C PHE A 181 13.15 -13.92 1.82
N LYS A 182 14.46 -13.95 1.65
CA LYS A 182 15.36 -13.40 2.65
C LYS A 182 15.50 -11.93 2.32
N VAL A 183 15.43 -11.08 3.33
CA VAL A 183 15.35 -9.65 3.13
C VAL A 183 16.68 -9.01 3.44
N LEU A 184 17.29 -8.40 2.43
CA LEU A 184 18.50 -7.62 2.65
C LEU A 184 18.12 -6.29 3.30
N ALA A 185 19.08 -5.68 3.99
CA ALA A 185 18.86 -4.40 4.65
C ALA A 185 18.32 -3.40 3.63
N PRO A 186 17.30 -2.63 4.02
CA PRO A 186 16.77 -1.66 3.06
C PRO A 186 17.80 -0.62 2.72
N GLN A 187 17.71 -0.08 1.52
CA GLN A 187 18.48 1.08 1.15
C GLN A 187 17.57 2.28 1.27
N ILE A 188 17.81 3.13 2.26
CA ILE A 188 16.96 4.29 2.42
C ILE A 188 17.74 5.55 2.07
N SER A 189 17.36 6.18 0.96
CA SER A 189 17.93 7.45 0.55
C SER A 189 17.00 8.57 1.01
N PHE A 190 17.37 9.20 2.12
CA PHE A 190 16.52 10.22 2.76
C PHE A 190 16.52 11.54 2.03
N ALA A 191 15.32 12.02 1.69
CA ALA A 191 15.09 13.42 1.32
C ALA A 191 16.04 13.97 0.27
N PRO A 192 16.10 13.31 -0.91
CA PRO A 192 16.92 13.84 -1.99
C PRO A 192 16.46 15.21 -2.49
N GLU A 193 15.17 15.50 -2.41
CA GLU A 193 14.66 16.78 -2.88
C GLU A 193 15.24 17.95 -2.07
N ILE A 194 15.43 17.70 -0.78
CA ILE A 194 15.92 18.71 0.15
C ILE A 194 17.45 18.79 0.17
N ALA A 195 18.08 17.66 -0.15
CA ALA A 195 19.53 17.53 -0.06
C ALA A 195 20.27 18.39 -1.09
N SER A 196 21.49 18.76 -0.75
CA SER A 196 22.37 19.46 -1.69
C SER A 196 22.85 18.50 -2.77
N GLU A 197 23.44 19.05 -3.83
CA GLU A 197 23.99 18.22 -4.90
C GLU A 197 25.03 17.26 -4.37
N GLU A 198 25.92 17.75 -3.52
CA GLU A 198 26.95 16.90 -2.91
C GLU A 198 26.35 15.76 -2.09
N GLU A 199 25.32 16.07 -1.33
CA GLU A 199 24.65 15.06 -0.53
C GLU A 199 23.96 14.03 -1.41
N ARG A 200 23.32 14.50 -2.49
CA ARG A 200 22.66 13.61 -3.44
C ARG A 200 23.66 12.65 -4.08
N LYS A 201 24.75 13.21 -4.59
CA LYS A 201 25.81 12.38 -5.18
C LYS A 201 26.32 11.36 -4.16
N GLY A 202 26.46 11.80 -2.91
CA GLY A 202 26.91 10.91 -1.86
C GLY A 202 25.96 9.74 -1.66
N MET A 203 24.66 10.01 -1.73
CA MET A 203 23.68 8.94 -1.59
C MET A 203 23.69 7.98 -2.79
N VAL A 204 23.88 8.51 -3.99
CA VAL A 204 24.01 7.66 -5.16
C VAL A 204 25.25 6.79 -5.01
N ALA A 205 26.35 7.39 -4.56
CA ALA A 205 27.62 6.68 -4.42
C ALA A 205 27.54 5.58 -3.36
N ALA A 206 26.81 5.85 -2.29
CA ALA A 206 26.59 4.86 -1.24
C ALA A 206 25.93 3.61 -1.82
N TRP A 207 24.93 3.82 -2.67
CA TRP A 207 24.16 2.75 -3.30
C TRP A 207 25.07 1.95 -4.24
N SER A 208 25.75 2.66 -5.14
CA SER A 208 26.69 2.04 -6.05
C SER A 208 27.72 1.22 -5.29
N GLN A 209 28.34 1.83 -4.27
CA GLN A 209 29.31 1.12 -3.42
C GLN A 209 28.70 -0.10 -2.75
N ARG A 210 27.47 0.03 -2.23
CA ARG A 210 26.85 -1.12 -1.61
C ARG A 210 26.71 -2.26 -2.61
N LEU A 211 26.35 -1.91 -3.84
CA LEU A 211 26.07 -2.91 -4.87
C LEU A 211 27.32 -3.72 -5.22
N GLN A 212 28.50 -3.16 -4.97
CA GLN A 212 29.75 -3.88 -5.24
C GLN A 212 29.88 -5.16 -4.43
N THR A 213 29.28 -5.19 -3.25
CA THR A 213 29.42 -6.35 -2.36
C THR A 213 28.09 -6.94 -1.94
N ILE A 214 27.06 -6.75 -2.77
CA ILE A 214 25.71 -7.15 -2.39
C ILE A 214 25.60 -8.67 -2.25
N TRP A 215 26.43 -9.41 -2.98
CA TRP A 215 26.39 -10.87 -2.92
C TRP A 215 27.12 -11.42 -1.69
N LYS A 216 27.76 -10.54 -0.93
CA LYS A 216 28.42 -10.93 0.30
C LYS A 216 27.56 -10.60 1.53
N GLU A 217 26.38 -10.02 1.32
CA GLU A 217 25.55 -9.60 2.44
C GLU A 217 24.84 -10.76 3.17
N GLU A 218 24.65 -10.57 4.47
CA GLU A 218 23.72 -11.39 5.25
C GLU A 218 22.37 -10.70 5.27
N PRO A 219 21.27 -11.47 5.22
CA PRO A 219 19.92 -10.91 5.37
C PRO A 219 19.65 -10.44 6.80
N ILE A 220 18.76 -9.48 6.98
CA ILE A 220 18.37 -9.07 8.32
C ILE A 220 17.53 -10.17 8.95
N PRO A 221 17.42 -10.17 10.29
CA PRO A 221 16.42 -11.03 10.93
C PRO A 221 15.09 -10.32 10.82
N CYS A 222 14.26 -10.74 9.88
CA CYS A 222 13.01 -10.03 9.61
C CYS A 222 11.98 -10.35 10.70
N THR A 223 12.16 -9.73 11.86
CA THR A 223 11.34 -10.03 13.04
C THR A 223 10.71 -8.76 13.57
N ALA A 224 9.70 -8.92 14.43
CA ALA A 224 9.08 -7.78 15.07
C ALA A 224 10.12 -7.00 15.90
N HIS A 225 11.06 -7.72 16.49
CA HIS A 225 12.10 -7.08 17.28
C HIS A 225 12.98 -6.16 16.43
N TRP A 226 13.41 -6.64 15.26
CA TRP A 226 14.20 -5.81 14.36
C TRP A 226 13.42 -4.53 14.00
N HIS A 227 12.10 -4.68 13.80
CA HIS A 227 11.31 -3.55 13.31
C HIS A 227 10.93 -2.56 14.42
N PHE A 228 10.61 -3.07 15.61
CA PHE A 228 10.04 -2.21 16.65
C PHE A 228 10.85 -2.22 17.93
N GLY A 229 11.61 -3.28 18.13
CA GLY A 229 12.30 -3.52 19.38
C GLY A 229 13.54 -2.69 19.62
N GLN A 230 14.25 -3.02 20.69
CA GLN A 230 15.51 -2.36 21.00
C GLN A 230 16.64 -3.39 21.04
N ALA B 1 -28.48 19.47 13.14
CA ALA B 1 -27.25 19.11 12.38
C ALA B 1 -27.07 17.58 12.28
N GLY B 2 -27.37 17.05 11.10
CA GLY B 2 -27.15 15.64 10.82
C GLY B 2 -25.74 15.42 10.30
N LYS B 3 -25.35 14.16 10.17
CA LYS B 3 -23.97 13.83 9.81
C LYS B 3 -23.85 13.33 8.38
N LYS B 4 -22.68 13.53 7.79
CA LYS B 4 -22.40 13.07 6.44
C LYS B 4 -21.29 12.04 6.48
N VAL B 5 -21.53 10.91 5.81
CA VAL B 5 -20.56 9.82 5.79
C VAL B 5 -20.16 9.43 4.37
N LEU B 6 -18.86 9.30 4.15
CA LEU B 6 -18.35 8.71 2.92
C LEU B 6 -17.78 7.34 3.25
N ILE B 7 -18.23 6.35 2.49
CA ILE B 7 -17.65 5.02 2.58
C ILE B 7 -16.84 4.77 1.32
N VAL B 8 -15.53 4.58 1.48
CA VAL B 8 -14.66 4.28 0.35
C VAL B 8 -14.49 2.76 0.38
N TYR B 9 -15.03 2.10 -0.63
CA TYR B 9 -15.25 0.67 -0.61
C TYR B 9 -14.41 0.00 -1.70
N ALA B 10 -13.62 -1.00 -1.31
CA ALA B 10 -12.71 -1.65 -2.24
C ALA B 10 -12.86 -3.17 -2.26
N HIS B 11 -13.93 -3.64 -2.91
CA HIS B 11 -14.08 -5.06 -3.15
C HIS B 11 -14.82 -5.25 -4.47
N GLN B 12 -14.44 -6.32 -5.18
CA GLN B 12 -14.92 -6.61 -6.54
C GLN B 12 -16.30 -7.25 -6.59
N GLU B 13 -16.71 -7.83 -5.48
CA GLU B 13 -17.86 -8.73 -5.45
C GLU B 13 -18.93 -8.25 -4.47
N PRO B 14 -20.09 -7.84 -5.00
CA PRO B 14 -21.19 -7.33 -4.17
C PRO B 14 -21.63 -8.33 -3.10
N LYS B 15 -21.59 -9.62 -3.42
CA LYS B 15 -22.02 -10.64 -2.46
C LYS B 15 -20.95 -11.04 -1.46
N SER B 16 -19.82 -10.34 -1.47
CA SER B 16 -18.72 -10.70 -0.59
C SER B 16 -19.02 -10.32 0.85
N PHE B 17 -18.19 -10.80 1.77
CA PHE B 17 -18.27 -10.40 3.16
C PHE B 17 -18.04 -8.88 3.27
N ASN B 18 -17.10 -8.35 2.48
CA ASN B 18 -16.87 -6.89 2.48
C ASN B 18 -18.11 -6.15 2.01
N GLY B 19 -18.73 -6.69 0.96
CA GLY B 19 -19.98 -6.12 0.46
C GLY B 19 -21.07 -6.08 1.52
N SER B 20 -21.19 -7.14 2.30
CA SER B 20 -22.20 -7.16 3.38
C SER B 20 -21.86 -6.13 4.45
N LEU B 21 -20.59 -5.98 4.79
CA LEU B 21 -20.20 -4.97 5.77
C LEU B 21 -20.49 -3.57 5.24
N LYS B 22 -20.23 -3.35 3.96
CA LYS B 22 -20.55 -2.05 3.36
C LYS B 22 -22.06 -1.81 3.36
N ASN B 23 -22.82 -2.83 2.98
CA ASN B 23 -24.27 -2.67 2.90
C ASN B 23 -24.89 -2.47 4.29
N VAL B 24 -24.38 -3.13 5.32
CA VAL B 24 -25.00 -2.91 6.63
C VAL B 24 -24.64 -1.52 7.15
N ALA B 25 -23.47 -1.02 6.74
CA ALA B 25 -23.10 0.35 7.10
C ALA B 25 -24.07 1.32 6.47
N VAL B 26 -24.34 1.12 5.18
CA VAL B 26 -25.29 1.97 4.47
C VAL B 26 -26.67 1.88 5.12
N ASP B 27 -27.10 0.65 5.41
CA ASP B 27 -28.44 0.43 6.01
C ASP B 27 -28.57 1.19 7.32
N GLU B 28 -27.58 1.03 8.19
CA GLU B 28 -27.69 1.51 9.56
C GLU B 28 -27.49 3.04 9.63
N LEU B 29 -26.55 3.56 8.84
CA LEU B 29 -26.33 4.99 8.84
C LEU B 29 -27.52 5.69 8.19
N SER B 30 -28.08 5.04 7.16
CA SER B 30 -29.28 5.58 6.49
C SER B 30 -30.43 5.60 7.48
N ARG B 31 -30.59 4.51 8.23
CA ARG B 31 -31.65 4.40 9.21
C ARG B 31 -31.57 5.53 10.23
N GLN B 32 -30.35 5.89 10.63
CA GLN B 32 -30.14 6.95 11.60
C GLN B 32 -30.45 8.34 11.06
N GLY B 33 -30.64 8.44 9.76
CA GLY B 33 -30.87 9.74 9.15
C GLY B 33 -29.62 10.39 8.61
N CYS B 34 -28.49 9.69 8.63
CA CYS B 34 -27.24 10.25 8.10
C CYS B 34 -27.30 10.36 6.59
N THR B 35 -26.54 11.29 6.04
CA THR B 35 -26.32 11.42 4.62
C THR B 35 -25.16 10.48 4.26
N VAL B 36 -25.39 9.60 3.30
CA VAL B 36 -24.42 8.54 3.02
C VAL B 36 -24.03 8.48 1.53
N THR B 37 -22.73 8.39 1.27
CA THR B 37 -22.18 8.31 -0.08
C THR B 37 -21.19 7.16 -0.09
N VAL B 38 -21.20 6.37 -1.16
CA VAL B 38 -20.27 5.26 -1.30
C VAL B 38 -19.45 5.45 -2.56
N SER B 39 -18.13 5.41 -2.41
CA SER B 39 -17.26 5.35 -3.57
C SER B 39 -16.87 3.92 -3.79
N ASP B 40 -17.53 3.28 -4.76
CA ASP B 40 -17.27 1.89 -5.11
C ASP B 40 -16.12 1.83 -6.13
N LEU B 41 -14.89 1.72 -5.63
CA LEU B 41 -13.72 1.93 -6.50
C LEU B 41 -13.66 0.95 -7.67
N TYR B 42 -13.93 -0.33 -7.45
CA TYR B 42 -13.85 -1.28 -8.54
C TYR B 42 -14.96 -1.03 -9.57
N ALA B 43 -16.17 -0.72 -9.09
CA ALA B 43 -17.26 -0.45 -10.02
C ALA B 43 -16.98 0.81 -10.85
N MET B 44 -16.28 1.76 -10.26
N MET B 44 -16.26 1.75 -10.26
CA MET B 44 -15.92 2.98 -10.98
CA MET B 44 -15.88 2.99 -10.94
C MET B 44 -14.68 2.82 -11.86
C MET B 44 -14.71 2.81 -11.89
N ASN B 45 -14.08 1.63 -11.86
CA ASN B 45 -12.81 1.41 -12.55
C ASN B 45 -11.80 2.50 -12.14
N PHE B 46 -11.80 2.85 -10.85
CA PHE B 46 -10.97 3.94 -10.34
C PHE B 46 -9.49 3.79 -10.73
N GLU B 47 -8.92 4.88 -11.21
CA GLU B 47 -7.53 4.92 -11.70
C GLU B 47 -6.57 4.97 -10.52
N PRO B 48 -5.76 3.93 -10.32
CA PRO B 48 -4.84 3.95 -9.17
C PRO B 48 -3.48 4.59 -9.44
N ARG B 49 -3.12 4.69 -10.72
CA ARG B 49 -1.76 5.12 -11.05
C ARG B 49 -1.57 6.63 -10.95
N ALA B 50 -0.49 7.03 -10.28
CA ALA B 50 -0.08 8.43 -10.21
C ALA B 50 0.67 8.81 -11.48
N THR B 51 -0.02 9.45 -12.42
CA THR B 51 0.64 9.82 -13.68
C THR B 51 0.41 11.28 -14.10
N ASP B 52 1.12 11.69 -15.15
CA ASP B 52 1.01 13.06 -15.62
C ASP B 52 -0.36 13.32 -16.27
N LYS B 53 -1.15 12.26 -16.44
CA LYS B 53 -2.53 12.44 -16.88
C LYS B 53 -3.39 13.09 -15.80
N ASP B 54 -2.89 13.11 -14.56
CA ASP B 54 -3.66 13.67 -13.45
C ASP B 54 -3.63 15.19 -13.44
N ILE B 55 -2.78 15.77 -14.28
CA ILE B 55 -2.73 17.22 -14.48
C ILE B 55 -3.10 17.56 -15.92
N THR B 56 -4.02 18.51 -16.11
CA THR B 56 -4.42 18.82 -17.48
C THR B 56 -3.89 20.18 -17.95
N GLY B 57 -3.40 20.99 -17.02
CA GLY B 57 -2.89 22.31 -17.38
C GLY B 57 -1.41 22.33 -17.71
N THR B 58 -0.89 23.53 -17.92
CA THR B 58 0.53 23.71 -18.21
C THR B 58 1.38 23.26 -17.04
N LEU B 59 2.26 22.30 -17.27
CA LEU B 59 3.13 21.79 -16.21
C LEU B 59 4.11 22.84 -15.73
N SER B 60 4.36 22.86 -14.43
CA SER B 60 5.33 23.76 -13.82
C SER B 60 6.74 23.49 -14.36
N ASN B 61 7.03 22.23 -14.63
CA ASN B 61 8.30 21.82 -15.26
C ASN B 61 8.06 20.67 -16.22
N PRO B 62 7.82 20.99 -17.50
CA PRO B 62 7.43 19.95 -18.47
C PRO B 62 8.59 19.09 -18.95
N GLU B 63 9.82 19.40 -18.57
CA GLU B 63 10.96 18.56 -18.97
C GLU B 63 11.32 17.52 -17.90
N VAL B 64 10.94 17.75 -16.65
CA VAL B 64 11.21 16.79 -15.58
C VAL B 64 10.00 16.67 -14.65
N PHE B 65 9.25 15.58 -14.78
CA PHE B 65 7.96 15.45 -14.12
C PHE B 65 8.07 15.01 -12.67
N ASN B 66 7.61 15.88 -11.78
CA ASN B 66 7.54 15.64 -10.35
C ASN B 66 6.06 15.58 -9.97
N TYR B 67 5.57 14.36 -9.72
CA TYR B 67 4.13 14.16 -9.46
C TYR B 67 3.60 15.04 -8.34
N GLY B 68 4.32 15.08 -7.22
CA GLY B 68 3.86 15.82 -6.05
C GLY B 68 3.84 17.32 -6.27
N VAL B 69 4.90 17.85 -6.87
CA VAL B 69 4.93 19.26 -7.22
C VAL B 69 3.82 19.65 -8.20
N GLU B 70 3.66 18.86 -9.26
CA GLU B 70 2.70 19.18 -10.30
C GLU B 70 1.25 19.05 -9.82
N THR B 71 0.94 18.04 -9.01
CA THR B 71 -0.42 17.91 -8.51
C THR B 71 -0.73 19.00 -7.47
N HIS B 72 0.28 19.42 -6.72
CA HIS B 72 0.08 20.51 -5.77
C HIS B 72 -0.31 21.79 -6.51
N GLU B 73 0.43 22.08 -7.58
CA GLU B 73 0.16 23.27 -8.39
C GLU B 73 -1.16 23.15 -9.13
N ALA B 74 -1.44 21.96 -9.68
CA ALA B 74 -2.70 21.71 -10.36
C ALA B 74 -3.87 21.84 -9.40
N TYR B 75 -3.70 21.42 -8.15
CA TYR B 75 -4.78 21.59 -7.19
C TYR B 75 -5.10 23.07 -7.00
N LYS B 76 -4.07 23.88 -6.82
CA LYS B 76 -4.24 25.31 -6.59
C LYS B 76 -4.86 26.01 -7.80
N GLN B 77 -4.52 25.52 -8.98
CA GLN B 77 -4.96 26.14 -10.24
C GLN B 77 -6.29 25.58 -10.71
N ARG B 78 -6.72 24.50 -10.08
CA ARG B 78 -7.88 23.70 -10.51
C ARG B 78 -7.70 23.03 -11.88
N SER B 79 -6.56 22.37 -12.07
CA SER B 79 -6.36 21.65 -13.31
C SER B 79 -6.07 20.17 -13.08
N LEU B 80 -6.54 19.65 -11.95
CA LEU B 80 -6.48 18.22 -11.70
C LEU B 80 -7.52 17.50 -12.54
N ALA B 81 -7.23 16.23 -12.83
CA ALA B 81 -8.21 15.35 -13.45
C ALA B 81 -9.47 15.33 -12.60
N SER B 82 -10.63 15.31 -13.25
CA SER B 82 -11.89 15.43 -12.56
C SER B 82 -12.22 14.21 -11.67
N ASP B 83 -11.68 13.02 -11.95
CA ASP B 83 -11.97 11.90 -11.07
C ASP B 83 -11.39 12.18 -9.69
N ILE B 84 -10.29 12.94 -9.64
CA ILE B 84 -9.67 13.31 -8.38
C ILE B 84 -10.51 14.35 -7.63
N THR B 85 -10.93 15.40 -8.33
CA THR B 85 -11.68 16.43 -7.63
C THR B 85 -13.09 15.93 -7.26
N ASP B 86 -13.65 14.98 -8.02
CA ASP B 86 -14.92 14.36 -7.62
C ASP B 86 -14.79 13.71 -6.24
N GLU B 87 -13.69 13.00 -6.02
CA GLU B 87 -13.47 12.33 -4.74
C GLU B 87 -13.20 13.36 -3.64
N GLN B 88 -12.43 14.38 -3.98
CA GLN B 88 -12.17 15.47 -3.04
C GLN B 88 -13.46 16.15 -2.54
N LYS B 89 -14.44 16.32 -3.43
CA LYS B 89 -15.73 16.87 -2.98
C LYS B 89 -16.39 16.00 -1.92
N LYS B 90 -16.41 14.70 -2.16
CA LYS B 90 -17.00 13.74 -1.22
C LYS B 90 -16.30 13.80 0.14
N VAL B 91 -14.99 13.90 0.13
CA VAL B 91 -14.24 13.96 1.38
C VAL B 91 -14.50 15.28 2.11
N ARG B 92 -14.46 16.37 1.34
CA ARG B 92 -14.65 17.71 1.89
C ARG B 92 -15.99 17.78 2.61
N GLU B 93 -17.03 17.17 2.03
CA GLU B 93 -18.37 17.25 2.61
C GLU B 93 -18.62 16.24 3.74
N ALA B 94 -17.78 15.21 3.83
CA ALA B 94 -17.94 14.18 4.84
C ALA B 94 -17.50 14.58 6.26
N ASP B 95 -18.27 14.15 7.25
CA ASP B 95 -17.85 14.24 8.65
C ASP B 95 -17.06 13.03 9.09
N LEU B 96 -17.39 11.91 8.46
CA LEU B 96 -16.77 10.64 8.76
C LEU B 96 -16.45 9.92 7.45
N VAL B 97 -15.24 9.41 7.34
CA VAL B 97 -14.87 8.61 6.18
C VAL B 97 -14.54 7.20 6.65
N ILE B 98 -15.33 6.24 6.18
CA ILE B 98 -15.10 4.83 6.49
C ILE B 98 -14.42 4.15 5.28
N PHE B 99 -13.34 3.43 5.53
CA PHE B 99 -12.68 2.66 4.48
C PHE B 99 -13.03 1.19 4.68
N GLN B 100 -13.62 0.57 3.67
CA GLN B 100 -14.04 -0.81 3.79
C GLN B 100 -13.28 -1.68 2.80
N PHE B 101 -12.46 -2.58 3.30
CA PHE B 101 -11.57 -3.32 2.43
C PHE B 101 -11.01 -4.60 3.06
N PRO B 102 -10.70 -5.58 2.20
CA PRO B 102 -9.90 -6.74 2.62
C PRO B 102 -8.43 -6.38 2.68
N LEU B 103 -7.74 -6.90 3.69
CA LEU B 103 -6.32 -6.69 3.82
C LEU B 103 -5.58 -7.37 2.68
N TYR B 104 -4.76 -6.60 1.96
CA TYR B 104 -3.88 -7.12 0.92
C TYR B 104 -2.45 -6.80 1.33
N TRP B 105 -1.67 -7.82 1.67
CA TRP B 105 -0.27 -7.67 2.02
C TRP B 105 -0.10 -6.62 3.12
N PHE B 106 -0.85 -6.82 4.21
CA PHE B 106 -0.75 -5.97 5.42
C PHE B 106 -1.13 -4.52 5.11
N SER B 107 -1.93 -4.31 4.08
CA SER B 107 -2.23 -2.96 3.63
C SER B 107 -3.57 -2.95 2.87
N VAL B 108 -3.87 -1.83 2.22
CA VAL B 108 -5.05 -1.71 1.38
C VAL B 108 -4.80 -2.31 -0.02
N PRO B 109 -5.87 -2.83 -0.65
CA PRO B 109 -5.73 -3.18 -2.07
C PRO B 109 -5.22 -1.99 -2.90
N ALA B 110 -4.44 -2.29 -3.92
CA ALA B 110 -3.84 -1.27 -4.77
C ALA B 110 -4.84 -0.21 -5.28
N ILE B 111 -6.06 -0.61 -5.64
CA ILE B 111 -7.00 0.37 -6.15
C ILE B 111 -7.33 1.44 -5.09
N LEU B 112 -7.35 1.03 -3.82
CA LEU B 112 -7.58 1.95 -2.72
C LEU B 112 -6.31 2.73 -2.36
N LYS B 113 -5.15 2.07 -2.46
CA LYS B 113 -3.89 2.79 -2.29
C LYS B 113 -3.81 3.96 -3.29
N GLY B 114 -4.28 3.72 -4.51
CA GLY B 114 -4.25 4.73 -5.57
C GLY B 114 -5.17 5.90 -5.23
N TRP B 115 -6.31 5.59 -4.64
CA TRP B 115 -7.21 6.61 -4.12
C TRP B 115 -6.45 7.50 -3.12
N MET B 116 -5.78 6.89 -2.15
N MET B 116 -5.79 6.87 -2.16
CA MET B 116 -5.00 7.68 -1.21
CA MET B 116 -4.96 7.58 -1.19
C MET B 116 -3.91 8.51 -1.90
C MET B 116 -3.93 8.48 -1.90
N ASP B 117 -3.16 7.87 -2.79
CA ASP B 117 -2.06 8.56 -3.48
C ASP B 117 -2.55 9.79 -4.25
N ARG B 118 -3.63 9.63 -4.98
CA ARG B 118 -4.06 10.64 -5.95
C ARG B 118 -5.02 11.66 -5.35
N VAL B 119 -5.88 11.22 -4.43
CA VAL B 119 -6.92 12.10 -3.89
C VAL B 119 -6.36 13.01 -2.79
N LEU B 120 -5.49 12.45 -1.96
CA LEU B 120 -4.98 13.20 -0.81
C LEU B 120 -3.75 14.06 -1.18
N CYS B 121 -3.90 14.96 -2.15
CA CYS B 121 -2.77 15.73 -2.63
C CYS B 121 -2.45 16.95 -1.75
N GLN B 122 -1.25 17.48 -1.93
CA GLN B 122 -0.85 18.68 -1.23
C GLN B 122 -1.76 19.83 -1.62
N GLY B 123 -2.13 20.66 -0.64
CA GLY B 123 -3.07 21.75 -0.86
C GLY B 123 -4.49 21.36 -0.50
N PHE B 124 -4.83 20.10 -0.73
CA PHE B 124 -6.16 19.62 -0.36
C PHE B 124 -6.19 18.96 1.00
N ALA B 125 -5.32 17.97 1.19
CA ALA B 125 -5.32 17.13 2.39
C ALA B 125 -4.32 17.61 3.45
N PHE B 126 -3.23 18.19 2.99
CA PHE B 126 -2.17 18.70 3.88
C PHE B 126 -1.46 19.86 3.19
N ASP B 127 -0.71 20.63 3.97
CA ASP B 127 0.18 21.66 3.45
C ASP B 127 1.51 21.52 4.17
N ILE B 128 2.55 22.18 3.67
CA ILE B 128 3.83 22.25 4.35
C ILE B 128 4.12 23.70 4.70
N PRO B 129 3.90 24.10 5.97
CA PRO B 129 3.40 23.33 7.12
C PRO B 129 1.88 23.16 7.07
N GLY B 130 1.33 22.33 7.94
CA GLY B 130 -0.10 22.02 7.91
C GLY B 130 -0.35 20.52 7.77
N PHE B 131 0.23 19.75 8.68
CA PHE B 131 0.06 18.30 8.69
C PHE B 131 -0.01 17.74 10.11
N TYR B 132 -0.23 16.43 10.19
CA TYR B 132 -0.64 15.77 11.42
C TYR B 132 -1.74 16.58 12.09
N ASP B 133 -1.56 17.03 13.34
CA ASP B 133 -2.65 17.70 14.03
C ASP B 133 -3.09 19.00 13.33
N SER B 134 -2.22 19.55 12.49
N SER B 134 -2.22 19.57 12.50
CA SER B 134 -2.56 20.73 11.70
CA SER B 134 -2.60 20.74 11.70
C SER B 134 -2.93 20.38 10.25
C SER B 134 -2.93 20.38 10.25
N GLY B 135 -3.15 19.09 9.98
CA GLY B 135 -3.54 18.66 8.64
C GLY B 135 -4.85 19.30 8.20
N LEU B 136 -5.06 19.40 6.88
CA LEU B 136 -6.18 20.19 6.37
C LEU B 136 -7.55 19.52 6.51
N LEU B 137 -7.58 18.23 6.82
CA LEU B 137 -8.84 17.52 7.00
C LEU B 137 -9.16 17.44 8.49
N GLN B 138 -8.54 18.31 9.29
CA GLN B 138 -8.87 18.38 10.71
C GLN B 138 -10.36 18.65 10.90
N GLY B 139 -10.94 18.10 11.95
CA GLY B 139 -12.37 18.20 12.18
C GLY B 139 -13.14 16.98 11.67
N LYS B 140 -12.47 16.17 10.85
CA LYS B 140 -13.09 14.98 10.27
C LYS B 140 -12.61 13.71 10.97
N LEU B 141 -13.45 12.69 10.91
CA LEU B 141 -13.14 11.36 11.43
C LEU B 141 -12.89 10.37 10.31
N ALA B 142 -12.03 9.39 10.59
CA ALA B 142 -11.79 8.30 9.67
C ALA B 142 -11.79 6.99 10.44
N LEU B 143 -12.18 5.92 9.75
CA LEU B 143 -12.29 4.61 10.38
C LEU B 143 -11.97 3.54 9.35
N LEU B 144 -11.04 2.65 9.69
CA LEU B 144 -10.73 1.51 8.83
C LEU B 144 -11.55 0.28 9.24
N SER B 145 -12.33 -0.23 8.31
CA SER B 145 -13.05 -1.47 8.51
C SER B 145 -12.40 -2.50 7.58
N VAL B 146 -11.63 -3.38 8.21
CA VAL B 146 -10.71 -4.30 7.55
C VAL B 146 -11.16 -5.75 7.74
N THR B 147 -11.05 -6.55 6.69
CA THR B 147 -11.21 -8.00 6.83
C THR B 147 -9.88 -8.69 6.51
N THR B 148 -9.63 -9.83 7.16
CA THR B 148 -8.38 -10.56 6.95
C THR B 148 -8.58 -12.03 6.57
N GLY B 149 -7.54 -12.61 5.97
CA GLY B 149 -7.47 -14.06 5.83
C GLY B 149 -6.93 -14.68 7.10
N GLY B 150 -5.93 -14.04 7.69
CA GLY B 150 -5.32 -14.50 8.93
C GLY B 150 -6.21 -14.42 10.16
N THR B 151 -5.99 -15.30 11.11
CA THR B 151 -6.82 -15.34 12.31
C THR B 151 -6.40 -14.28 13.34
N ALA B 152 -7.31 -14.00 14.27
CA ALA B 152 -7.01 -13.06 15.33
C ALA B 152 -5.73 -13.48 16.06
N GLU B 153 -5.59 -14.78 16.30
CA GLU B 153 -4.42 -15.31 17.01
C GLU B 153 -3.11 -15.06 16.27
N MET B 154 -3.13 -15.18 14.94
CA MET B 154 -1.95 -14.91 14.14
C MET B 154 -1.55 -13.45 14.28
N TYR B 155 -2.54 -12.59 14.42
CA TYR B 155 -2.32 -11.16 14.58
C TYR B 155 -2.21 -10.72 16.03
N THR B 156 -1.35 -11.39 16.79
CA THR B 156 -1.06 -10.94 18.15
C THR B 156 0.45 -10.76 18.30
N LYS B 157 0.86 -10.09 19.38
CA LYS B 157 2.27 -9.83 19.61
C LYS B 157 3.13 -11.09 19.45
N THR B 158 2.64 -12.20 19.98
CA THR B 158 3.42 -13.44 19.92
C THR B 158 3.06 -14.30 18.71
N GLY B 159 2.02 -13.89 17.96
CA GLY B 159 1.63 -14.58 16.75
C GLY B 159 2.57 -14.26 15.59
N VAL B 160 2.51 -15.07 14.54
CA VAL B 160 3.51 -14.98 13.48
C VAL B 160 3.39 -13.67 12.68
N ASN B 161 2.17 -13.11 12.62
CA ASN B 161 1.96 -11.84 11.91
C ASN B 161 2.24 -10.60 12.75
N GLY B 162 2.49 -10.79 14.04
CA GLY B 162 2.60 -9.66 14.94
C GLY B 162 1.24 -9.04 15.23
N ASP B 163 1.20 -8.07 16.14
CA ASP B 163 -0.07 -7.47 16.52
C ASP B 163 -0.72 -6.75 15.34
N SER B 164 -2.05 -6.81 15.26
CA SER B 164 -2.78 -6.15 14.17
C SER B 164 -2.49 -4.65 14.13
N ARG B 165 -2.27 -4.03 15.28
CA ARG B 165 -2.01 -2.60 15.30
C ARG B 165 -0.73 -2.23 14.54
N TYR B 166 0.22 -3.16 14.47
CA TYR B 166 1.47 -2.88 13.77
C TYR B 166 1.22 -2.46 12.32
N PHE B 167 0.36 -3.18 11.61
CA PHE B 167 0.19 -2.92 10.18
C PHE B 167 -0.73 -1.71 9.94
N LEU B 168 -1.43 -1.27 10.99
CA LEU B 168 -2.30 -0.10 10.87
C LEU B 168 -1.50 1.21 10.79
N TRP B 169 -0.24 1.17 11.22
CA TRP B 169 0.58 2.38 11.35
C TRP B 169 0.66 3.22 10.06
N PRO B 170 0.99 2.62 8.92
CA PRO B 170 1.10 3.47 7.73
C PRO B 170 -0.24 4.11 7.32
N LEU B 171 -1.34 3.42 7.59
CA LEU B 171 -2.67 3.89 7.18
C LEU B 171 -3.18 4.94 8.18
N GLN B 172 -3.24 4.57 9.45
CA GLN B 172 -3.84 5.45 10.45
C GLN B 172 -2.93 6.66 10.71
N HIS B 173 -1.64 6.42 10.91
CA HIS B 173 -0.73 7.50 11.26
C HIS B 173 -0.11 8.16 10.02
N GLY B 174 0.53 7.35 9.19
CA GLY B 174 1.29 7.85 8.06
C GLY B 174 0.40 8.58 7.06
N THR B 175 -0.86 8.17 6.95
CA THR B 175 -1.78 8.78 5.99
C THR B 175 -2.88 9.63 6.63
N LEU B 176 -3.80 9.00 7.36
CA LEU B 176 -4.99 9.71 7.85
C LEU B 176 -4.63 10.78 8.89
N HIS B 177 -3.86 10.41 9.90
CA HIS B 177 -3.46 11.40 10.92
C HIS B 177 -2.66 12.53 10.28
N PHE B 178 -1.77 12.19 9.34
CA PHE B 178 -0.95 13.18 8.65
C PHE B 178 -1.81 14.22 7.97
N CYS B 179 -2.96 13.78 7.46
CA CYS B 179 -3.87 14.67 6.76
C CYS B 179 -4.81 15.39 7.73
N GLY B 180 -4.66 15.13 9.02
CA GLY B 180 -5.48 15.83 9.99
C GLY B 180 -6.68 15.08 10.54
N PHE B 181 -7.01 13.91 9.98
CA PHE B 181 -8.13 13.14 10.54
C PHE B 181 -7.89 12.77 12.00
N LYS B 182 -8.96 12.74 12.79
CA LYS B 182 -8.93 11.96 14.00
C LYS B 182 -9.42 10.57 13.62
N VAL B 183 -8.83 9.56 14.24
CA VAL B 183 -9.03 8.19 13.82
C VAL B 183 -9.82 7.42 14.87
N LEU B 184 -10.97 6.90 14.46
CA LEU B 184 -11.75 6.02 15.31
C LEU B 184 -11.09 4.65 15.33
N ALA B 185 -11.38 3.87 16.36
CA ALA B 185 -10.77 2.55 16.51
C ALA B 185 -11.12 1.69 15.31
N PRO B 186 -10.14 0.93 14.80
CA PRO B 186 -10.37 0.09 13.63
C PRO B 186 -11.44 -0.97 13.88
N GLN B 187 -12.19 -1.32 12.85
CA GLN B 187 -13.06 -2.49 12.91
C GLN B 187 -12.36 -3.59 12.14
N ILE B 188 -11.88 -4.61 12.83
CA ILE B 188 -11.21 -5.70 12.14
C ILE B 188 -12.03 -6.97 12.23
N SER B 189 -12.45 -7.46 11.08
CA SER B 189 -13.27 -8.67 11.02
C SER B 189 -12.33 -9.78 10.59
N PHE B 190 -11.91 -10.60 11.55
CA PHE B 190 -10.87 -11.60 11.31
C PHE B 190 -11.39 -12.85 10.62
N ALA B 191 -10.71 -13.26 9.55
CA ALA B 191 -10.83 -14.61 8.99
C ALA B 191 -12.25 -15.06 8.70
N PRO B 192 -13.03 -14.24 7.98
CA PRO B 192 -14.39 -14.68 7.65
C PRO B 192 -14.44 -15.94 6.77
N GLU B 193 -13.47 -16.13 5.88
CA GLU B 193 -13.50 -17.28 4.97
C GLU B 193 -13.42 -18.58 5.73
N ILE B 194 -12.68 -18.55 6.83
CA ILE B 194 -12.45 -19.69 7.72
C ILE B 194 -13.57 -19.89 8.72
N ALA B 195 -14.29 -18.81 9.04
CA ALA B 195 -15.33 -18.84 10.07
C ALA B 195 -16.58 -19.57 9.57
N SER B 196 -17.46 -19.92 10.50
CA SER B 196 -18.73 -20.53 10.17
C SER B 196 -19.73 -19.47 9.71
N GLU B 197 -20.82 -19.94 9.10
CA GLU B 197 -21.91 -19.08 8.67
C GLU B 197 -22.42 -18.19 9.82
N GLU B 198 -22.52 -18.76 11.01
CA GLU B 198 -23.03 -18.06 12.16
C GLU B 198 -22.02 -17.04 12.70
N GLU B 199 -20.75 -17.43 12.75
CA GLU B 199 -19.69 -16.52 13.15
C GLU B 199 -19.65 -15.34 12.18
N ARG B 200 -19.75 -15.62 10.89
CA ARG B 200 -19.79 -14.59 9.87
C ARG B 200 -20.99 -13.66 10.11
N LYS B 201 -22.15 -14.24 10.35
CA LYS B 201 -23.34 -13.43 10.61
C LYS B 201 -23.12 -12.56 11.84
N GLY B 202 -22.46 -13.12 12.85
CA GLY B 202 -22.16 -12.40 14.07
C GLY B 202 -21.22 -11.22 13.89
N MET B 203 -20.24 -11.37 13.01
CA MET B 203 -19.29 -10.28 12.76
C MET B 203 -19.99 -9.11 12.07
N VAL B 204 -20.88 -9.42 11.12
CA VAL B 204 -21.62 -8.37 10.43
C VAL B 204 -22.52 -7.64 11.43
N ALA B 205 -23.21 -8.41 12.26
CA ALA B 205 -24.10 -7.85 13.27
C ALA B 205 -23.35 -6.96 14.26
N ALA B 206 -22.12 -7.32 14.61
CA ALA B 206 -21.34 -6.56 15.59
C ALA B 206 -20.95 -5.20 15.03
N TRP B 207 -20.62 -5.18 13.74
CA TRP B 207 -20.36 -3.94 13.01
C TRP B 207 -21.61 -3.03 13.01
N SER B 208 -22.72 -3.59 12.57
CA SER B 208 -23.99 -2.88 12.54
C SER B 208 -24.29 -2.29 13.93
N GLN B 209 -24.07 -3.10 14.95
CA GLN B 209 -24.33 -2.72 16.34
C GLN B 209 -23.39 -1.58 16.78
N ARG B 210 -22.11 -1.69 16.47
CA ARG B 210 -21.18 -0.61 16.79
C ARG B 210 -21.62 0.71 16.15
N LEU B 211 -22.09 0.62 14.90
CA LEU B 211 -22.47 1.80 14.14
C LEU B 211 -23.61 2.58 14.79
N GLN B 212 -24.47 1.90 15.52
CA GLN B 212 -25.57 2.56 16.24
C GLN B 212 -25.07 3.69 17.13
N THR B 213 -23.89 3.52 17.72
CA THR B 213 -23.37 4.49 18.67
C THR B 213 -22.05 5.09 18.20
N ILE B 214 -21.81 5.05 16.90
CA ILE B 214 -20.52 5.51 16.34
C ILE B 214 -20.25 6.98 16.64
N TRP B 215 -21.32 7.77 16.70
CA TRP B 215 -21.18 9.21 16.87
C TRP B 215 -20.86 9.56 18.32
N LYS B 216 -20.94 8.58 19.20
CA LYS B 216 -20.55 8.78 20.60
C LYS B 216 -19.10 8.41 20.88
N GLU B 217 -18.41 7.85 19.90
CA GLU B 217 -17.05 7.37 20.15
C GLU B 217 -16.08 8.51 20.19
N GLU B 218 -15.00 8.29 20.94
CA GLU B 218 -13.82 9.14 20.92
C GLU B 218 -12.76 8.54 20.00
N PRO B 219 -11.93 9.39 19.38
CA PRO B 219 -10.87 8.84 18.54
C PRO B 219 -9.75 8.22 19.38
N ILE B 220 -8.89 7.41 18.75
CA ILE B 220 -7.72 6.87 19.43
C ILE B 220 -6.64 7.92 19.54
N PRO B 221 -5.70 7.73 20.47
CA PRO B 221 -4.46 8.52 20.42
C PRO B 221 -3.59 7.92 19.33
N CYS B 222 -3.52 8.56 18.17
CA CYS B 222 -2.84 7.95 17.03
C CYS B 222 -1.33 8.19 17.17
N THR B 223 -0.72 7.41 18.05
CA THR B 223 0.68 7.58 18.40
C THR B 223 1.45 6.28 18.25
N ALA B 224 2.77 6.36 18.24
CA ALA B 224 3.61 5.18 18.25
C ALA B 224 3.25 4.27 19.43
N HIS B 225 2.96 4.85 20.60
CA HIS B 225 2.66 4.02 21.76
C HIS B 225 1.39 3.22 21.56
N TRP B 226 0.36 3.84 21.00
CA TRP B 226 -0.89 3.12 20.76
C TRP B 226 -0.64 1.94 19.82
N HIS B 227 0.16 2.16 18.79
CA HIS B 227 0.39 1.14 17.78
C HIS B 227 1.37 0.04 18.24
N PHE B 228 2.39 0.42 18.99
CA PHE B 228 3.51 -0.50 19.20
C PHE B 228 3.78 -0.87 20.68
N GLY B 229 3.18 -0.12 21.61
CA GLY B 229 3.34 -0.42 23.02
C GLY B 229 4.64 0.20 23.52
N GLN B 230 4.95 0.02 24.79
CA GLN B 230 6.12 0.69 25.37
C GLN B 230 7.40 -0.14 25.26
ZN ZN C . 9.81 -11.00 8.78
PA FAD D . 13.55 13.76 -7.43
O1A FAD D . 12.69 14.99 -7.28
O2A FAD D . 13.49 13.13 -8.80
O5B FAD D . 15.09 14.06 -7.10
C5B FAD D . 15.53 15.04 -6.19
C4B FAD D . 16.63 15.80 -6.92
O4B FAD D . 17.72 14.93 -7.22
C3B FAD D . 16.13 16.32 -8.26
O3B FAD D . 16.55 17.66 -8.34
C2B FAD D . 16.88 15.47 -9.28
O2B FAD D . 17.12 16.16 -10.47
C1B FAD D . 18.16 15.17 -8.53
N9A FAD D . 18.91 14.02 -9.08
C8A FAD D . 18.46 12.99 -9.87
N7A FAD D . 19.41 12.14 -10.17
C5A FAD D . 20.53 12.62 -9.55
C6A FAD D . 21.84 12.15 -9.51
N6A FAD D . 22.24 11.08 -10.20
N1A FAD D . 22.76 12.88 -8.77
C2A FAD D . 22.35 14.00 -8.16
N3A FAD D . 21.13 14.52 -8.15
C4A FAD D . 20.24 13.78 -8.87
N1 FAD D . 7.54 11.30 1.61
C2 FAD D . 7.69 10.79 2.89
O2 FAD D . 8.71 10.98 3.56
N3 FAD D . 6.66 10.05 3.39
C4 FAD D . 5.49 9.78 2.70
O4 FAD D . 4.65 9.09 3.27
C4X FAD D . 5.37 10.31 1.43
N5 FAD D . 4.22 10.09 0.70
C5X FAD D . 4.09 10.59 -0.59
C6 FAD D . 2.92 10.35 -1.31
C7 FAD D . 2.79 10.88 -2.59
C7M FAD D . 1.53 10.63 -3.40
C8 FAD D . 3.84 11.62 -3.15
C8M FAD D . 3.71 12.19 -4.54
C9 FAD D . 5.00 11.86 -2.42
C9A FAD D . 5.13 11.36 -1.14
N10 FAD D . 6.28 11.57 -0.39
C10 FAD D . 6.39 11.06 0.89
C1' FAD D . 7.43 12.34 -0.96
C2' FAD D . 8.21 11.37 -1.86
O2' FAD D . 8.59 10.16 -1.21
C3' FAD D . 9.45 12.04 -2.43
O3' FAD D . 9.00 13.12 -3.18
C4' FAD D . 10.31 11.12 -3.31
O4' FAD D . 10.90 10.10 -2.52
C5' FAD D . 11.46 11.89 -3.96
O5' FAD D . 12.17 11.00 -4.80
P FAD D . 12.29 11.35 -6.36
O1P FAD D . 10.94 11.72 -6.92
O2P FAD D . 12.99 10.27 -7.16
O3P FAD D . 13.16 12.69 -6.30
C1 ET E . -2.57 -13.67 -1.08
C2 ET E . -2.80 -13.71 -2.43
C3 ET E . -3.81 -14.51 -2.96
C4 ET E . -4.61 -15.27 -2.10
N5 ET E . -5.19 -16.00 0.17
C6 ET E . -4.97 -15.97 1.55
C7 ET E . -3.69 -15.12 3.48
C8 ET E . -2.67 -14.32 3.98
C9 ET E . -1.87 -13.56 3.14
C10 ET E . -2.09 -13.57 1.77
C11 ET E . -3.93 -15.16 2.08
C12 ET E . -3.12 -14.38 1.22
C13 ET E . -3.37 -14.43 -0.19
C14 ET E . -4.38 -15.23 -0.70
C15 ET E . -5.81 -16.81 2.44
C16 ET E . -7.10 -16.46 2.82
C17 ET E . -7.85 -17.30 3.66
C18 ET E . -7.31 -18.49 4.10
C19 ET E . -6.02 -18.86 3.71
C20 ET E . -5.29 -18.03 2.88
C21 ET E . -6.26 -16.83 -0.37
C22 ET E . -7.49 -15.94 -0.55
N23 ET E . -3.97 -14.50 -4.37
N24 ET E . -2.46 -14.30 5.40
H1 ET E . -1.86 -13.11 -0.72
H2 ET E . -2.24 -13.17 -3.03
H4 ET E . -5.33 -15.83 -2.46
H7 ET E . -4.24 -15.64 4.08
H9 ET E . -1.16 -13.00 3.52
H10 ET E . -1.52 -13.04 1.18
H16 ET E . -7.49 -15.62 2.52
H17 ET E . -8.75 -17.04 3.93
H18 ET E . -7.84 -19.08 4.69
H19 ET E . -5.65 -19.71 4.02
H20 ET E . -4.38 -18.28 2.61
H211 ET E . -6.47 -17.56 0.24
H212 ET E . -6.00 -17.20 -1.24
H221 ET E . -7.69 -15.84 -1.51
H222 ET E . -7.32 -15.06 -0.16
H223 ET E . -8.26 -16.35 -0.10
H231 ET E . -4.16 -15.29 -4.81
H232 ET E . -3.90 -13.72 -4.83
H241 ET E . -3.14 -14.53 5.97
H242 ET E . -1.64 -14.06 5.74
C1 ET F . 2.24 12.63 1.22
C2 ET F . 1.78 12.95 -0.04
C3 ET F . 2.46 13.87 -0.83
C4 ET F . 3.61 14.49 -0.33
N5 ET F . 5.26 14.81 1.47
C6 ET F . 5.74 14.47 2.75
C7 ET F . 5.45 13.19 4.86
C8 ET F . 4.76 12.25 5.62
C9 ET F . 3.61 11.62 5.13
C10 ET F . 3.16 11.95 3.84
C11 ET F . 5.01 13.53 3.55
C12 ET F . 3.86 12.91 3.05
C13 ET F . 3.41 13.25 1.74
C14 ET F . 4.10 14.18 0.97
C15 ET F . 6.90 15.16 3.37
C16 ET F . 8.24 15.12 3.03
C17 ET F . 9.16 15.86 3.77
C18 ET F . 8.77 16.67 4.81
C19 ET F . 7.44 16.73 5.15
C20 ET F . 6.52 15.99 4.43
C21 ET F . 5.97 15.79 0.65
C22 ET F . 5.35 17.18 0.71
N23 ET F . 1.91 14.14 -2.13
N24 ET F . 5.24 11.95 6.93
H1 ET F . 1.77 11.98 1.75
H2 ET F . 0.99 12.50 -0.39
H4 ET F . 4.08 15.15 -0.88
H7 ET F . 6.25 13.61 5.23
H9 ET F . 3.13 10.97 5.67
H10 ET F . 2.36 11.52 3.48
H16 ET F . 8.55 14.54 2.29
H17 ET F . 10.10 15.82 3.52
H18 ET F . 9.44 17.19 5.31
H19 ET F . 7.15 17.31 5.90
H20 ET F . 5.59 16.04 4.68
H211 ET F . 6.90 15.84 0.96
H212 ET F . 5.96 15.48 -0.28
H221 ET F . 5.98 17.79 1.17
H222 ET F . 4.51 17.13 1.22
H223 ET F . 5.17 17.50 -0.19
H231 ET F . 2.19 14.86 -2.60
H232 ET F . 1.26 13.58 -2.47
H241 ET F . 5.77 12.54 7.38
H242 ET F . 5.03 11.14 7.32
S SO4 G . 22.53 22.87 -5.01
O1 SO4 G . 23.16 22.97 -6.33
O2 SO4 G . 23.56 22.57 -4.01
O3 SO4 G . 21.52 21.82 -5.02
O4 SO4 G . 21.90 24.15 -4.67
C1 ET H . -7.73 -23.67 10.50
C2 ET H . -7.62 -23.81 11.87
C3 ET H . -6.72 -23.03 12.59
C4 ET H . -5.94 -22.09 11.92
N5 ET H . -5.23 -20.98 9.85
C6 ET H . -5.31 -20.82 8.47
C7 ET H . -6.32 -21.46 6.34
C8 ET H . -7.21 -22.24 5.60
C9 ET H . -8.02 -23.18 6.25
C10 ET H . -7.94 -23.36 7.62
C11 ET H . -6.22 -21.62 7.74
C12 ET H . -7.05 -22.57 8.40
C13 ET H . -6.94 -22.72 9.81
C14 ET H . -6.03 -21.93 10.52
C15 ET H . -4.48 -19.81 7.76
C16 ET H . -3.11 -19.98 7.56
C17 ET H . -2.39 -19.00 6.89
C18 ET H . -3.02 -17.85 6.41
C19 ET H . -4.38 -17.68 6.61
C20 ET H . -5.10 -18.66 7.28
C21 ET H . -4.29 -20.16 10.63
C22 ET H . -3.04 -20.99 10.98
N23 ET H . -6.68 -23.24 14.00
N24 ET H . -7.27 -22.03 4.18
H1 ET H . -8.36 -24.22 10.00
H2 ET H . -8.18 -24.47 12.33
H4 ET H . -5.31 -21.53 12.43
H7 ET H . -5.77 -20.81 5.89
H9 ET H . -8.64 -23.72 5.72
H10 ET H . -8.51 -24.03 8.06
H16 ET H . -2.67 -20.78 7.89
H17 ET H . -1.44 -19.11 6.75
H18 ET H . -2.51 -17.17 5.95
H19 ET H . -4.83 -16.88 6.28
H20 ET H . -6.06 -18.55 7.42
H211 ET H . -4.03 -19.38 10.11
H212 ET H . -4.72 -19.87 11.46
H221 ET H . -2.88 -20.96 11.95
H222 ET H . -2.28 -20.62 10.51
H223 ET H . -3.19 -21.93 10.71
H231 ET H . -6.61 -24.09 14.33
H232 ET H . -6.70 -22.52 14.58
H241 ET H . -6.55 -21.67 3.74
H242 ET H . -8.02 -22.26 3.72
ZN ZN I . -0.96 9.20 14.41
PA FAD J . -15.55 -13.54 1.25
O1A FAD J . -14.87 -14.69 0.55
O2A FAD J . -16.33 -12.69 0.29
O5B FAD J . -16.42 -13.98 2.52
C5B FAD J . -16.38 -15.29 3.06
C4B FAD J . -17.80 -15.83 2.96
O4B FAD J . -18.70 -14.97 3.67
C3B FAD J . -18.29 -15.85 1.53
O3B FAD J . -18.60 -17.17 1.17
C2B FAD J . -19.56 -15.03 1.51
O2B FAD J . -20.55 -15.63 0.71
C1B FAD J . -19.93 -15.03 2.97
N9A FAD J . -20.83 -13.92 3.34
C8A FAD J . -21.06 -12.75 2.67
N7A FAD J . -21.94 -11.99 3.31
C5A FAD J . -22.29 -12.69 4.42
C6A FAD J . -23.18 -12.42 5.46
N6A FAD J . -23.79 -11.25 5.58
N1A FAD J . -23.30 -13.37 6.46
C2A FAD J . -22.58 -14.49 6.38
N3A FAD J . -21.72 -14.83 5.43
C4A FAD J . -21.60 -13.90 4.45
N1 FAD J . -5.01 -11.80 4.57
C2 FAD J . -4.24 -11.48 5.67
O2 FAD J . -4.60 -11.82 6.79
N3 FAD J . -3.06 -10.78 5.46
C4 FAD J . -2.60 -10.39 4.22
O4 FAD J . -1.55 -9.75 4.15
C4X FAD J . -3.40 -10.73 3.15
N5 FAD J . -3.00 -10.39 1.89
C5X FAD J . -3.79 -10.69 0.80
C6 FAD J . -3.36 -10.31 -0.47
C7 FAD J . -4.12 -10.62 -1.59
C7M FAD J . -3.64 -10.20 -2.96
C8 FAD J . -5.32 -11.31 -1.43
C8M FAD J . -6.15 -11.65 -2.64
C9 FAD J . -5.76 -11.70 -0.16
C9A FAD J . -4.99 -11.39 0.95
N10 FAD J . -5.38 -11.75 2.23
C10 FAD J . -4.59 -11.42 3.32
C1' FAD J . -6.67 -12.48 2.47
C2' FAD J . -7.83 -11.48 2.40
O2' FAD J . -7.68 -10.41 3.33
C3' FAD J . -9.14 -12.20 2.64
O3' FAD J . -9.30 -13.13 1.59
C4' FAD J . -10.33 -11.23 2.65
O4' FAD J . -10.24 -10.44 3.81
C5' FAD J . -11.64 -12.00 2.75
O5' FAD J . -12.73 -11.10 2.77
P FAD J . -13.85 -11.23 1.63
O1P FAD J . -13.22 -11.36 0.28
O2P FAD J . -14.88 -10.12 1.72
O3P FAD J . -14.48 -12.65 2.03
#